data_9N7G
#
_entry.id   9N7G
#
_cell.length_a   45.824
_cell.length_b   60.088
_cell.length_c   121.500
_cell.angle_alpha   90.00
_cell.angle_beta   90.00
_cell.angle_gamma   90.00
#
_symmetry.space_group_name_H-M   'P 21 21 21'
#
loop_
_entity.id
_entity.type
_entity.pdbx_description
1 polymer 'Protein S100-A7 FN3 chimera'
2 water water
#
_entity_poly.entity_id   1
_entity_poly.type   'polypeptide(L)'
_entity_poly.pdbx_seq_one_letter_code
;MGPSPPGNLRVTDVTSTSVTLSWWPEIVPLHGYRVEYREAGGEWKEVTVIDRAPEYTVTGLKPGTEYEFRVRAVSGALYF
NASSVSVTTGGGSGGSGGDGGGSGDGGSGSGSGGGGDSGSSGGSGSGGGSNTQAERSIIGMIDMFHKYTRRDDKIDKPSL
LTMMKENFPNFLSACDKKGTNYLADVFEKKDKNEDKKIDFSEFLSLLGDIATDYHKQSHGAAPCSGGSQKLAAALEHHHH
HH
;
_entity_poly.pdbx_strand_id   A,B
#
# COMPACT_ATOMS: atom_id res chain seq x y z
N ASN A 8 -3.19 14.94 3.32
CA ASN A 8 -2.39 14.94 2.06
C ASN A 8 -3.27 15.45 0.91
N LEU A 9 -3.76 16.69 1.05
CA LEU A 9 -4.49 17.37 -0.01
C LEU A 9 -3.72 18.62 -0.43
N ARG A 10 -3.49 18.77 -1.74
CA ARG A 10 -2.66 19.84 -2.27
C ARG A 10 -3.46 21.14 -2.28
N VAL A 11 -2.74 22.27 -2.18
CA VAL A 11 -3.32 23.61 -2.19
C VAL A 11 -2.65 24.40 -3.29
N THR A 12 -3.24 24.40 -4.49
CA THR A 12 -2.54 24.86 -5.69
C THR A 12 -2.60 26.38 -5.79
N ASP A 13 -3.50 27.00 -5.01
CA ASP A 13 -3.53 28.45 -4.89
C ASP A 13 -4.21 28.88 -3.59
N VAL A 14 -3.78 30.06 -3.13
CA VAL A 14 -4.43 30.77 -2.03
C VAL A 14 -4.46 32.25 -2.38
N THR A 15 -5.61 32.89 -2.16
CA THR A 15 -5.69 34.33 -2.06
C THR A 15 -6.13 34.66 -0.63
N SER A 16 -6.31 35.96 -0.37
CA SER A 16 -6.69 36.43 0.96
C SER A 16 -8.08 35.93 1.36
N THR A 17 -8.91 35.54 0.38
CA THR A 17 -10.28 35.13 0.67
C THR A 17 -10.69 33.88 -0.11
N SER A 18 -9.72 33.14 -0.66
CA SER A 18 -10.03 31.94 -1.43
C SER A 18 -8.96 30.89 -1.20
N VAL A 19 -9.33 29.60 -1.37
CA VAL A 19 -8.40 28.49 -1.26
C VAL A 19 -8.77 27.41 -2.28
N THR A 20 -7.96 27.30 -3.34
CA THR A 20 -8.10 26.24 -4.31
C THR A 20 -7.40 24.99 -3.78
N LEU A 21 -8.19 23.98 -3.39
CA LEU A 21 -7.68 22.67 -3.05
C LEU A 21 -7.62 21.79 -4.30
N SER A 22 -6.88 20.68 -4.18
CA SER A 22 -6.55 19.86 -5.33
C SER A 22 -6.21 18.44 -4.86
N TRP A 23 -6.42 17.47 -5.70
CA TRP A 23 -6.25 16.12 -5.22
C TRP A 23 -4.87 15.45 -5.28
N TRP A 24 -4.46 14.91 -6.41
CA TRP A 24 -3.22 14.11 -6.39
C TRP A 24 -2.64 13.83 -7.75
N PRO A 25 -2.12 12.60 -7.98
CA PRO A 25 -1.70 12.34 -9.37
C PRO A 25 -2.41 11.23 -10.14
N GLU A 26 -3.36 11.56 -11.02
CA GLU A 26 -4.05 10.58 -11.90
C GLU A 26 -5.27 11.19 -12.64
N ILE A 27 -5.36 12.51 -12.78
CA ILE A 27 -6.49 13.21 -13.47
C ILE A 27 -7.87 12.74 -13.08
N VAL A 28 -7.96 12.05 -11.95
CA VAL A 28 -9.21 11.49 -11.52
C VAL A 28 -9.29 11.40 -10.00
N PRO A 29 -10.19 12.17 -9.39
CA PRO A 29 -10.36 12.04 -7.94
C PRO A 29 -11.46 11.06 -7.50
N LEU A 30 -12.33 11.42 -6.56
CA LEU A 30 -13.32 10.52 -6.00
C LEU A 30 -14.53 10.31 -6.94
N HIS A 31 -15.50 11.25 -6.89
CA HIS A 31 -16.82 11.09 -7.53
C HIS A 31 -17.92 11.35 -6.49
N GLY A 32 -17.74 12.41 -5.68
CA GLY A 32 -18.65 12.74 -4.58
C GLY A 32 -17.91 13.00 -3.25
N TYR A 33 -17.09 14.04 -3.18
CA TYR A 33 -16.39 14.40 -1.96
C TYR A 33 -17.20 15.46 -1.19
N ARG A 34 -17.00 15.50 0.14
CA ARG A 34 -17.53 16.56 0.99
C ARG A 34 -16.36 17.21 1.73
N VAL A 35 -16.23 18.54 1.56
CA VAL A 35 -15.09 19.28 2.08
C VAL A 35 -15.51 20.01 3.35
N GLU A 36 -14.58 20.15 4.29
CA GLU A 36 -14.87 20.78 5.56
C GLU A 36 -13.72 21.70 5.94
N TYR A 37 -14.03 22.83 6.58
CA TYR A 37 -13.06 23.88 6.83
C TYR A 37 -13.53 24.76 7.97
N ARG A 38 -12.59 25.43 8.64
CA ARG A 38 -12.91 26.27 9.79
C ARG A 38 -11.77 27.23 10.09
N GLU A 39 -12.12 28.39 10.66
CA GLU A 39 -11.19 29.26 11.36
C GLU A 39 -10.40 28.44 12.39
N ALA A 40 -9.33 29.04 12.92
CA ALA A 40 -8.78 28.60 14.19
C ALA A 40 -9.88 28.70 15.24
N GLY A 41 -10.06 27.63 16.01
CA GLY A 41 -11.18 27.49 16.93
C GLY A 41 -12.51 27.61 16.20
N GLY A 42 -12.48 27.39 14.88
CA GLY A 42 -13.56 27.81 14.01
C GLY A 42 -14.68 26.78 13.96
N GLU A 43 -15.74 27.15 13.21
CA GLU A 43 -16.91 26.31 13.03
C GLU A 43 -16.77 25.50 11.75
N TRP A 44 -16.97 24.17 11.86
CA TRP A 44 -16.75 23.24 10.78
C TRP A 44 -17.77 23.46 9.66
N LYS A 45 -17.47 24.41 8.78
CA LYS A 45 -18.31 24.67 7.63
C LYS A 45 -18.07 23.53 6.63
N GLU A 46 -19.12 23.17 5.87
CA GLU A 46 -19.06 22.05 4.95
C GLU A 46 -19.40 22.55 3.55
N VAL A 47 -19.08 21.76 2.53
CA VAL A 47 -19.60 22.03 1.21
C VAL A 47 -19.52 20.75 0.35
N THR A 48 -20.66 20.09 0.18
CA THR A 48 -20.73 18.88 -0.60
C THR A 48 -20.29 19.18 -2.03
N VAL A 49 -19.62 18.21 -2.66
CA VAL A 49 -19.22 18.34 -4.06
C VAL A 49 -19.41 16.98 -4.73
N ILE A 50 -20.62 16.80 -5.29
CA ILE A 50 -20.96 15.71 -6.20
C ILE A 50 -20.48 16.08 -7.61
N ASP A 51 -19.92 15.08 -8.31
CA ASP A 51 -19.05 15.25 -9.46
C ASP A 51 -17.61 14.97 -9.05
N ARG A 52 -16.84 14.40 -9.99
CA ARG A 52 -15.40 14.27 -9.85
C ARG A 52 -14.78 15.60 -10.27
N ALA A 53 -14.99 16.63 -9.46
CA ALA A 53 -14.42 17.96 -9.68
C ALA A 53 -13.01 18.00 -9.09
N PRO A 54 -11.94 17.91 -9.93
CA PRO A 54 -10.60 17.61 -9.44
C PRO A 54 -9.99 18.72 -8.57
N GLU A 55 -10.44 19.97 -8.78
CA GLU A 55 -10.06 21.11 -7.97
C GLU A 55 -11.32 21.81 -7.47
N TYR A 56 -11.23 22.41 -6.28
CA TYR A 56 -12.37 23.12 -5.71
C TYR A 56 -11.89 24.33 -4.93
N THR A 57 -12.43 25.51 -5.28
CA THR A 57 -12.01 26.78 -4.69
C THR A 57 -13.03 27.22 -3.66
N VAL A 58 -12.66 27.19 -2.38
CA VAL A 58 -13.52 27.68 -1.31
C VAL A 58 -13.38 29.19 -1.28
N THR A 59 -14.49 29.90 -1.01
CA THR A 59 -14.57 31.35 -1.21
C THR A 59 -15.33 32.02 -0.06
N GLY A 60 -15.10 33.33 0.05
CA GLY A 60 -15.77 34.16 1.04
C GLY A 60 -15.16 33.98 2.43
N LEU A 61 -13.82 33.92 2.44
CA LEU A 61 -13.05 33.65 3.65
C LEU A 61 -12.58 34.96 4.26
N LYS A 62 -12.25 34.92 5.56
CA LYS A 62 -11.62 36.04 6.24
C LYS A 62 -10.19 36.17 5.74
N PRO A 63 -9.76 37.36 5.23
CA PRO A 63 -8.36 37.60 4.87
C PRO A 63 -7.37 37.48 6.03
N GLY A 64 -6.18 36.97 5.74
CA GLY A 64 -5.12 36.82 6.73
C GLY A 64 -5.59 36.03 7.95
N THR A 65 -6.22 34.88 7.69
CA THR A 65 -6.79 34.03 8.74
C THR A 65 -6.27 32.59 8.60
N GLU A 66 -6.02 31.95 9.74
CA GLU A 66 -5.56 30.57 9.79
C GLU A 66 -6.78 29.66 9.67
N TYR A 67 -6.94 29.03 8.49
CA TYR A 67 -8.03 28.09 8.26
C TYR A 67 -7.48 26.66 8.37
N GLU A 68 -8.39 25.72 8.65
CA GLU A 68 -8.11 24.30 8.56
C GLU A 68 -9.03 23.71 7.50
N PHE A 69 -8.58 22.64 6.84
CA PHE A 69 -9.36 21.96 5.81
C PHE A 69 -9.16 20.45 5.92
N ARG A 70 -10.23 19.70 5.62
CA ARG A 70 -10.21 18.24 5.67
C ARG A 70 -11.20 17.69 4.63
N VAL A 71 -11.31 16.36 4.55
CA VAL A 71 -12.23 15.71 3.63
C VAL A 71 -12.89 14.53 4.35
N ARG A 72 -14.10 14.22 3.90
CA ARG A 72 -14.72 12.93 4.12
C ARG A 72 -15.54 12.61 2.89
N ALA A 73 -16.04 11.37 2.84
CA ALA A 73 -16.50 10.77 1.59
C ALA A 73 -18.01 10.57 1.60
N VAL A 74 -18.56 10.41 0.38
CA VAL A 74 -19.93 9.97 0.17
C VAL A 74 -20.21 8.80 1.12
N SER A 75 -19.24 7.87 1.24
CA SER A 75 -19.30 6.79 2.21
C SER A 75 -19.15 7.36 3.62
N GLY A 76 -20.16 8.14 4.03
CA GLY A 76 -20.11 9.07 5.15
C GLY A 76 -18.94 8.84 6.11
N ALA A 77 -17.94 9.73 6.04
CA ALA A 77 -16.80 9.71 6.98
C ALA A 77 -15.52 8.99 6.54
N LEU A 78 -14.43 9.74 6.40
CA LEU A 78 -13.15 9.17 6.05
C LEU A 78 -12.13 10.13 5.47
N TYR A 79 -11.16 9.60 4.72
CA TYR A 79 -10.13 10.38 3.97
C TYR A 79 -8.84 10.68 4.69
N PHE A 80 -7.75 10.16 4.12
CA PHE A 80 -6.44 10.30 4.72
C PHE A 80 -6.54 9.65 6.06
N ASN A 81 -5.85 10.13 7.05
CA ASN A 81 -5.98 9.45 8.30
C ASN A 81 -6.77 10.38 9.12
N ALA A 82 -7.86 10.84 8.57
CA ALA A 82 -8.64 11.84 9.24
C ALA A 82 -7.70 13.01 9.49
N SER A 83 -6.76 13.22 8.57
CA SER A 83 -5.82 14.30 8.68
C SER A 83 -6.43 15.64 8.31
N SER A 84 -5.62 16.67 8.13
CA SER A 84 -6.14 17.95 7.67
C SER A 84 -4.98 18.80 7.15
N VAL A 85 -5.32 19.92 6.50
CA VAL A 85 -4.32 20.90 6.09
C VAL A 85 -4.68 22.24 6.74
N SER A 86 -3.68 23.12 6.87
CA SER A 86 -3.90 24.45 7.40
C SER A 86 -3.20 25.47 6.51
N VAL A 87 -3.76 26.69 6.47
CA VAL A 87 -3.22 27.75 5.65
C VAL A 87 -3.73 29.07 6.23
N THR A 88 -2.88 30.10 6.13
CA THR A 88 -3.28 31.46 6.42
C THR A 88 -3.46 32.19 5.09
N THR A 89 -4.59 32.91 4.97
CA THR A 89 -4.92 33.59 3.72
C THR A 89 -3.97 34.75 3.53
N SER A 130 2.72 10.52 12.26
CA SER A 130 2.49 9.82 10.97
C SER A 130 2.52 8.32 11.21
N ASN A 131 2.81 7.58 10.14
CA ASN A 131 2.58 6.14 10.10
C ASN A 131 3.68 5.46 9.28
N THR A 132 3.77 4.14 9.45
CA THR A 132 4.68 3.33 8.65
C THR A 132 4.14 3.26 7.22
N GLN A 133 5.05 2.94 6.30
CA GLN A 133 4.69 2.66 4.91
C GLN A 133 3.59 1.60 4.88
N ALA A 134 3.68 0.60 5.76
CA ALA A 134 2.67 -0.45 5.84
C ALA A 134 1.34 0.13 6.32
N GLU A 135 1.38 0.90 7.42
CA GLU A 135 0.20 1.54 7.98
C GLU A 135 -0.44 2.51 6.99
N ARG A 136 0.41 3.24 6.26
CA ARG A 136 -0.04 4.13 5.20
C ARG A 136 -0.55 3.36 3.99
N SER A 137 0.14 2.27 3.62
CA SER A 137 -0.25 1.46 2.46
C SER A 137 -1.64 0.86 2.63
N ILE A 138 -2.03 0.64 3.89
CA ILE A 138 -3.41 0.30 4.25
C ILE A 138 -4.28 1.53 4.02
N ILE A 139 -3.97 2.62 4.72
CA ILE A 139 -4.86 3.78 4.71
C ILE A 139 -5.23 4.14 3.27
N GLY A 140 -4.23 4.16 2.38
CA GLY A 140 -4.46 4.54 1.00
C GLY A 140 -5.39 3.58 0.28
N MET A 141 -5.36 2.30 0.70
CA MET A 141 -6.26 1.28 0.17
C MET A 141 -7.67 1.47 0.71
N ILE A 142 -7.81 1.97 1.95
CA ILE A 142 -9.12 2.34 2.47
C ILE A 142 -9.61 3.57 1.70
N ASP A 143 -8.75 4.57 1.54
CA ASP A 143 -9.09 5.75 0.76
C ASP A 143 -9.55 5.29 -0.61
N MET A 144 -8.73 4.46 -1.28
CA MET A 144 -9.02 3.99 -2.63
C MET A 144 -10.35 3.23 -2.66
N PHE A 145 -10.69 2.57 -1.56
CA PHE A 145 -12.01 1.98 -1.42
C PHE A 145 -13.05 3.08 -1.46
N HIS A 146 -13.05 3.94 -0.43
CA HIS A 146 -14.06 4.97 -0.26
C HIS A 146 -14.12 5.89 -1.47
N LYS A 147 -13.08 5.90 -2.30
CA LYS A 147 -12.98 6.74 -3.47
C LYS A 147 -14.07 6.39 -4.48
N TYR A 148 -14.61 5.16 -4.39
CA TYR A 148 -15.54 4.61 -5.37
C TYR A 148 -16.87 4.15 -4.79
N THR A 149 -17.00 4.09 -3.45
CA THR A 149 -18.24 3.65 -2.83
C THR A 149 -19.29 4.71 -3.08
N ARG A 150 -20.56 4.37 -2.77
CA ARG A 150 -21.65 5.32 -2.72
C ARG A 150 -22.00 5.58 -1.25
N ARG A 151 -22.97 6.48 -1.01
CA ARG A 151 -23.30 6.91 0.33
C ARG A 151 -23.60 5.73 1.25
N ASP A 152 -23.53 4.51 0.69
CA ASP A 152 -23.79 3.29 1.44
C ASP A 152 -22.48 2.55 1.72
N ASP A 153 -21.34 3.10 1.27
CA ASP A 153 -20.04 2.55 1.56
C ASP A 153 -19.91 1.22 0.81
N LYS A 154 -20.49 1.19 -0.41
CA LYS A 154 -20.46 0.00 -1.25
C LYS A 154 -20.22 0.37 -2.71
N ILE A 155 -19.50 -0.51 -3.41
CA ILE A 155 -19.02 -0.24 -4.76
C ILE A 155 -19.93 -0.93 -5.76
N ASP A 156 -20.44 -0.15 -6.71
CA ASP A 156 -21.24 -0.70 -7.80
C ASP A 156 -20.34 -1.17 -8.93
N LYS A 157 -20.89 -2.01 -9.81
CA LYS A 157 -20.13 -2.72 -10.82
C LYS A 157 -19.40 -1.77 -11.76
N PRO A 158 -20.03 -0.74 -12.35
CA PRO A 158 -19.33 0.22 -13.22
C PRO A 158 -18.29 1.02 -12.42
N SER A 159 -18.66 1.36 -11.19
CA SER A 159 -17.70 1.94 -10.26
C SER A 159 -16.52 1.02 -10.08
N LEU A 160 -16.80 -0.29 -9.96
CA LEU A 160 -15.78 -1.28 -9.67
C LEU A 160 -14.83 -1.43 -10.85
N LEU A 161 -15.34 -1.30 -12.08
CA LEU A 161 -14.48 -1.45 -13.25
C LEU A 161 -13.46 -0.32 -13.27
N THR A 162 -13.99 0.89 -13.09
CA THR A 162 -13.24 2.13 -13.07
C THR A 162 -12.11 2.03 -12.05
N MET A 163 -12.43 1.56 -10.84
CA MET A 163 -11.44 1.35 -9.79
C MET A 163 -10.26 0.54 -10.33
N MET A 164 -10.56 -0.57 -11.01
CA MET A 164 -9.56 -1.52 -11.46
C MET A 164 -8.76 -0.92 -12.62
N LYS A 165 -9.47 -0.34 -13.57
CA LYS A 165 -8.86 0.32 -14.72
C LYS A 165 -7.98 1.49 -14.27
N GLU A 166 -8.32 2.14 -13.14
CA GLU A 166 -7.60 3.31 -12.69
C GLU A 166 -6.45 2.94 -11.75
N ASN A 167 -6.65 1.90 -10.91
CA ASN A 167 -5.70 1.55 -9.88
C ASN A 167 -4.94 0.27 -10.18
N PHE A 168 -5.33 -0.49 -11.21
CA PHE A 168 -4.66 -1.74 -11.53
C PHE A 168 -4.58 -1.92 -13.04
N PRO A 169 -4.08 -0.92 -13.80
CA PRO A 169 -4.04 -1.01 -15.27
C PRO A 169 -3.05 -2.05 -15.78
N ASN A 170 -1.85 -2.08 -15.17
CA ASN A 170 -0.74 -2.88 -15.66
C ASN A 170 -1.03 -4.34 -15.35
N PHE A 171 -1.73 -4.59 -14.24
CA PHE A 171 -2.25 -5.91 -13.93
C PHE A 171 -3.16 -6.38 -15.07
N LEU A 172 -4.10 -5.52 -15.47
CA LEU A 172 -5.09 -5.88 -16.47
C LEU A 172 -4.44 -6.03 -17.83
N SER A 173 -3.44 -5.18 -18.11
CA SER A 173 -2.71 -5.24 -19.35
C SER A 173 -2.05 -6.62 -19.52
N ALA A 174 -1.49 -7.14 -18.42
CA ALA A 174 -0.86 -8.44 -18.42
C ALA A 174 -1.85 -9.54 -18.79
N CYS A 175 -3.11 -9.39 -18.35
CA CYS A 175 -4.13 -10.38 -18.66
C CYS A 175 -4.57 -10.28 -20.12
N ASP A 176 -4.34 -9.12 -20.76
CA ASP A 176 -4.63 -8.94 -22.17
C ASP A 176 -3.49 -9.50 -23.02
N LYS A 177 -2.27 -9.41 -22.50
CA LYS A 177 -1.12 -10.04 -23.13
C LYS A 177 -1.50 -11.49 -23.42
N LYS A 178 -2.00 -12.18 -22.39
CA LYS A 178 -2.52 -13.53 -22.55
C LYS A 178 -3.88 -13.47 -23.28
N GLY A 179 -4.74 -12.53 -22.87
CA GLY A 179 -6.03 -12.31 -23.51
C GLY A 179 -7.20 -12.75 -22.62
N THR A 180 -6.97 -12.77 -21.30
CA THR A 180 -7.99 -13.17 -20.33
C THR A 180 -8.66 -11.93 -19.75
N ASN A 181 -9.84 -11.63 -20.29
CA ASN A 181 -10.72 -10.61 -19.76
C ASN A 181 -10.84 -10.84 -18.25
N TYR A 182 -10.15 -10.04 -17.45
CA TYR A 182 -10.27 -10.19 -16.01
C TYR A 182 -11.54 -9.56 -15.49
N LEU A 183 -12.04 -8.56 -16.20
CA LEU A 183 -13.19 -7.83 -15.73
C LEU A 183 -14.49 -8.49 -16.05
N ALA A 184 -14.45 -9.50 -16.89
CA ALA A 184 -15.68 -10.16 -17.33
C ALA A 184 -16.56 -10.73 -16.25
N ASP A 185 -15.96 -11.41 -15.29
CA ASP A 185 -16.74 -12.08 -14.27
C ASP A 185 -16.48 -11.56 -12.91
N VAL A 186 -15.42 -10.79 -12.77
CA VAL A 186 -14.99 -10.38 -11.44
C VAL A 186 -16.10 -9.93 -10.47
N PHE A 187 -17.02 -9.09 -10.89
CA PHE A 187 -18.02 -8.61 -9.95
C PHE A 187 -18.86 -9.73 -9.47
N GLU A 188 -19.61 -10.31 -10.38
CA GLU A 188 -20.50 -11.41 -10.06
C GLU A 188 -19.77 -12.44 -9.25
N LYS A 189 -18.49 -12.61 -9.53
CA LYS A 189 -17.67 -13.51 -8.74
C LYS A 189 -17.52 -13.00 -7.31
N LYS A 190 -16.97 -11.79 -7.19
CA LYS A 190 -16.54 -11.26 -5.90
C LYS A 190 -17.76 -10.90 -5.06
N ASP A 191 -18.81 -10.40 -5.72
CA ASP A 191 -20.05 -10.06 -5.04
C ASP A 191 -20.72 -11.32 -4.52
N LYS A 192 -20.15 -11.88 -3.45
CA LYS A 192 -20.52 -13.21 -2.99
C LYS A 192 -21.98 -13.19 -2.56
N ASN A 193 -22.38 -12.11 -1.89
CA ASN A 193 -23.73 -11.99 -1.34
C ASN A 193 -24.77 -11.64 -2.40
N GLU A 194 -24.35 -11.59 -3.68
CA GLU A 194 -25.27 -11.37 -4.79
C GLU A 194 -26.20 -10.19 -4.50
N ASP A 195 -25.64 -9.11 -3.91
CA ASP A 195 -26.43 -7.92 -3.64
C ASP A 195 -26.16 -6.85 -4.71
N LYS A 196 -25.53 -7.26 -5.82
CA LYS A 196 -25.17 -6.38 -6.92
C LYS A 196 -24.33 -5.22 -6.38
N LYS A 197 -23.61 -5.50 -5.29
CA LYS A 197 -22.88 -4.49 -4.54
C LYS A 197 -21.63 -5.13 -3.94
N ILE A 198 -20.48 -4.54 -4.25
CA ILE A 198 -19.24 -4.94 -3.61
C ILE A 198 -19.08 -4.11 -2.34
N ASP A 199 -18.92 -4.82 -1.21
CA ASP A 199 -18.64 -4.20 0.07
C ASP A 199 -17.17 -4.44 0.42
N PHE A 200 -16.78 -4.03 1.62
CA PHE A 200 -15.38 -3.95 1.97
C PHE A 200 -14.77 -5.34 2.09
N SER A 201 -15.52 -6.26 2.71
CA SER A 201 -15.05 -7.61 2.93
C SER A 201 -14.92 -8.32 1.58
N GLU A 202 -15.70 -7.88 0.61
CA GLU A 202 -15.62 -8.39 -0.75
C GLU A 202 -14.46 -7.72 -1.47
N PHE A 203 -14.28 -6.41 -1.25
CA PHE A 203 -13.14 -5.68 -1.79
C PHE A 203 -11.84 -6.36 -1.38
N LEU A 204 -11.69 -6.68 -0.08
CA LEU A 204 -10.47 -7.30 0.42
C LEU A 204 -10.21 -8.61 -0.32
N SER A 205 -11.20 -9.50 -0.31
CA SER A 205 -11.15 -10.75 -1.06
C SER A 205 -10.53 -10.52 -2.43
N LEU A 206 -11.15 -9.61 -3.21
CA LEU A 206 -10.61 -9.21 -4.50
C LEU A 206 -9.12 -8.88 -4.38
N LEU A 207 -8.72 -8.10 -3.37
CA LEU A 207 -7.33 -7.74 -3.17
C LEU A 207 -6.51 -8.98 -2.82
N GLY A 208 -7.14 -9.91 -2.09
CA GLY A 208 -6.53 -11.21 -1.84
C GLY A 208 -6.19 -11.91 -3.15
N ASP A 209 -7.08 -11.77 -4.15
CA ASP A 209 -6.89 -12.38 -5.46
C ASP A 209 -5.84 -11.60 -6.26
N ILE A 210 -5.77 -10.28 -6.09
CA ILE A 210 -4.75 -9.52 -6.78
C ILE A 210 -3.38 -9.82 -6.18
N ALA A 211 -3.28 -9.79 -4.84
CA ALA A 211 -2.00 -9.90 -4.16
C ALA A 211 -1.46 -11.32 -4.18
N THR A 212 -2.35 -12.33 -4.22
CA THR A 212 -1.92 -13.72 -4.30
C THR A 212 -1.16 -13.96 -5.59
N ASP A 213 -1.59 -13.32 -6.69
CA ASP A 213 -0.91 -13.48 -7.96
C ASP A 213 0.45 -12.80 -7.92
N TYR A 214 0.47 -11.54 -7.49
CA TYR A 214 1.71 -10.81 -7.36
C TYR A 214 2.66 -11.59 -6.46
N HIS A 215 2.12 -12.38 -5.53
CA HIS A 215 2.97 -13.25 -4.75
C HIS A 215 3.66 -14.23 -5.70
N LYS A 216 2.84 -15.01 -6.40
CA LYS A 216 3.31 -16.05 -7.30
C LYS A 216 4.34 -15.50 -8.28
N GLN A 217 4.06 -14.31 -8.85
CA GLN A 217 4.99 -13.63 -9.74
C GLN A 217 6.35 -13.48 -9.07
N SER A 218 6.38 -12.98 -7.83
CA SER A 218 7.64 -12.76 -7.13
C SER A 218 8.40 -14.08 -7.07
N HIS A 219 7.66 -15.20 -6.98
CA HIS A 219 8.23 -16.54 -7.00
C HIS A 219 8.23 -17.12 -8.43
N GLY A 220 8.16 -16.26 -9.46
CA GLY A 220 8.51 -16.65 -10.81
C GLY A 220 7.32 -16.87 -11.73
N ALA A 221 6.17 -17.28 -11.18
CA ALA A 221 5.01 -17.65 -11.97
C ALA A 221 4.62 -16.53 -12.93
N ALA A 222 4.06 -16.92 -14.07
CA ALA A 222 3.54 -16.00 -15.06
C ALA A 222 2.57 -15.02 -14.42
N PRO A 223 2.52 -13.74 -14.85
CA PRO A 223 1.54 -12.78 -14.35
C PRO A 223 0.13 -13.09 -14.87
N CYS A 224 -0.84 -13.10 -13.95
CA CYS A 224 -2.20 -13.53 -14.24
C CYS A 224 -2.20 -15.06 -14.43
N SER A 225 -1.64 -15.78 -13.46
CA SER A 225 -1.51 -17.22 -13.50
C SER A 225 -2.88 -17.88 -13.45
N GLY A 226 -3.42 -18.05 -12.23
CA GLY A 226 -4.82 -18.43 -12.05
C GLY A 226 -5.00 -19.45 -10.92
N GLY A 227 -5.41 -20.66 -11.29
CA GLY A 227 -5.83 -21.68 -10.33
C GLY A 227 -6.80 -22.67 -10.98
N GLY B 7 12.02 -1.35 0.11
CA GLY B 7 11.45 -0.02 -0.16
C GLY B 7 12.42 0.88 -0.93
N ASN B 8 12.21 0.96 -2.27
CA ASN B 8 13.05 1.71 -3.20
C ASN B 8 14.53 1.33 -3.10
N LEU B 9 15.00 0.52 -4.07
CA LEU B 9 16.34 -0.01 -4.09
C LEU B 9 17.25 0.96 -4.84
N ARG B 10 18.08 1.70 -4.09
CA ARG B 10 18.72 2.90 -4.60
C ARG B 10 20.24 2.82 -4.47
N VAL B 11 20.92 3.40 -5.45
CA VAL B 11 22.37 3.50 -5.50
C VAL B 11 22.79 4.77 -4.79
N THR B 12 23.71 4.65 -3.83
CA THR B 12 24.11 5.80 -3.02
C THR B 12 25.55 6.23 -3.30
N ASP B 13 26.37 5.38 -3.92
CA ASP B 13 27.64 5.81 -4.49
C ASP B 13 28.13 4.80 -5.53
N VAL B 14 28.80 5.32 -6.56
CA VAL B 14 29.35 4.55 -7.66
C VAL B 14 30.79 5.00 -7.90
N THR B 15 31.70 4.03 -7.93
CA THR B 15 33.07 4.25 -8.32
C THR B 15 33.29 3.52 -9.64
N SER B 16 34.56 3.26 -9.98
CA SER B 16 34.89 2.63 -11.24
C SER B 16 34.76 1.11 -11.16
N THR B 17 34.86 0.52 -9.95
CA THR B 17 34.55 -0.89 -9.78
C THR B 17 33.93 -1.15 -8.40
N SER B 18 32.99 -0.31 -7.99
CA SER B 18 32.30 -0.54 -6.73
C SER B 18 30.99 0.24 -6.66
N VAL B 19 29.88 -0.50 -6.57
CA VAL B 19 28.54 0.08 -6.49
C VAL B 19 27.97 -0.17 -5.11
N THR B 20 27.30 0.86 -4.57
CA THR B 20 26.71 0.80 -3.24
C THR B 20 25.19 0.86 -3.38
N LEU B 21 24.51 0.08 -2.53
CA LEU B 21 23.07 -0.06 -2.61
C LEU B 21 22.49 0.15 -1.21
N SER B 22 21.28 0.72 -1.16
CA SER B 22 20.55 0.91 0.07
C SER B 22 19.14 0.33 -0.03
N TRP B 23 18.59 -0.02 1.13
CA TRP B 23 17.25 -0.54 1.26
C TRP B 23 16.31 0.57 1.71
N TRP B 24 16.49 0.96 2.97
CA TRP B 24 15.50 1.74 3.68
C TRP B 24 14.18 0.96 3.80
N PRO B 25 14.16 -0.20 4.48
CA PRO B 25 12.97 -1.05 4.62
C PRO B 25 12.21 -0.67 5.88
N GLU B 26 11.84 -1.66 6.71
CA GLU B 26 11.05 -1.45 7.91
C GLU B 26 11.87 -0.75 9.01
N ILE B 27 12.64 0.28 8.61
CA ILE B 27 13.74 0.81 9.42
C ILE B 27 14.79 -0.28 9.64
N VAL B 28 14.80 -1.30 8.75
CA VAL B 28 15.65 -2.47 8.86
C VAL B 28 15.29 -3.46 7.74
N PRO B 29 16.32 -4.06 7.09
CA PRO B 29 16.04 -4.95 5.97
C PRO B 29 15.37 -6.27 6.21
N LEU B 30 15.92 -7.36 5.71
CA LEU B 30 15.19 -8.61 5.71
C LEU B 30 15.73 -9.90 6.31
N HIS B 31 16.71 -9.84 7.20
CA HIS B 31 17.30 -11.03 7.81
C HIS B 31 17.93 -11.94 6.74
N GLY B 32 18.55 -11.34 5.72
CA GLY B 32 19.05 -12.07 4.57
C GLY B 32 18.53 -11.45 3.28
N TYR B 33 19.40 -11.26 2.29
CA TYR B 33 18.98 -10.77 0.99
C TYR B 33 20.06 -11.06 -0.05
N ARG B 34 19.70 -11.86 -1.05
CA ARG B 34 20.56 -12.08 -2.21
C ARG B 34 20.59 -10.78 -3.02
N VAL B 35 21.78 -10.47 -3.53
CA VAL B 35 21.98 -9.37 -4.46
C VAL B 35 22.56 -9.95 -5.75
N GLU B 36 21.70 -10.16 -6.76
CA GLU B 36 22.14 -10.67 -8.04
C GLU B 36 22.56 -9.50 -8.92
N TYR B 37 23.56 -9.76 -9.77
CA TYR B 37 24.07 -8.73 -10.67
C TYR B 37 24.74 -9.40 -11.86
N ARG B 38 24.61 -8.77 -13.03
CA ARG B 38 25.28 -9.19 -14.24
C ARG B 38 25.67 -7.94 -15.03
N GLU B 39 26.51 -8.15 -16.05
CA GLU B 39 26.80 -7.11 -17.03
C GLU B 39 25.62 -6.97 -17.97
N ALA B 40 25.63 -5.90 -18.76
CA ALA B 40 24.76 -5.80 -19.92
C ALA B 40 24.90 -7.05 -20.78
N GLY B 41 23.86 -7.90 -20.74
CA GLY B 41 23.90 -9.22 -21.37
C GLY B 41 24.96 -10.10 -20.71
N GLY B 42 24.88 -10.20 -19.38
CA GLY B 42 25.91 -10.86 -18.59
C GLY B 42 25.36 -12.10 -17.88
N GLU B 43 26.20 -12.69 -17.02
CA GLU B 43 25.85 -13.90 -16.30
C GLU B 43 25.68 -13.55 -14.82
N TRP B 44 24.52 -13.92 -14.25
CA TRP B 44 24.11 -13.51 -12.92
C TRP B 44 25.05 -14.03 -11.84
N LYS B 45 25.65 -13.11 -11.08
CA LYS B 45 26.50 -13.44 -9.95
C LYS B 45 25.77 -13.04 -8.66
N GLU B 46 25.73 -13.96 -7.70
CA GLU B 46 24.96 -13.80 -6.47
C GLU B 46 25.89 -13.60 -5.28
N VAL B 47 25.36 -12.98 -4.21
CA VAL B 47 26.08 -12.80 -2.97
C VAL B 47 25.06 -12.57 -1.87
N THR B 48 25.13 -13.38 -0.81
CA THR B 48 24.09 -13.42 0.19
C THR B 48 24.52 -12.59 1.40
N VAL B 49 23.88 -11.43 1.60
CA VAL B 49 24.17 -10.65 2.79
C VAL B 49 23.27 -11.16 3.91
N ILE B 50 23.59 -10.76 5.15
CA ILE B 50 22.93 -11.30 6.34
C ILE B 50 22.59 -10.15 7.29
N ASP B 51 22.43 -10.45 8.59
CA ASP B 51 21.62 -9.70 9.56
C ASP B 51 21.50 -8.21 9.22
N ARG B 52 20.33 -7.81 8.70
CA ARG B 52 19.84 -6.44 8.69
C ARG B 52 20.88 -5.44 8.16
N ALA B 53 21.83 -5.91 7.35
CA ALA B 53 22.77 -5.01 6.71
C ALA B 53 22.02 -4.20 5.65
N PRO B 54 21.77 -2.88 5.86
CA PRO B 54 20.98 -2.08 4.91
C PRO B 54 21.75 -1.46 3.75
N GLU B 55 23.07 -1.62 3.78
CA GLU B 55 23.96 -1.15 2.73
C GLU B 55 24.83 -2.32 2.29
N TYR B 56 24.90 -2.58 0.98
CA TYR B 56 25.91 -3.49 0.45
C TYR B 56 26.56 -2.87 -0.77
N THR B 57 27.89 -3.00 -0.85
CA THR B 57 28.69 -2.44 -1.93
C THR B 57 29.27 -3.57 -2.75
N VAL B 58 29.03 -3.54 -4.06
CA VAL B 58 29.61 -4.50 -4.98
C VAL B 58 30.96 -3.97 -5.45
N THR B 59 31.92 -4.89 -5.67
CA THR B 59 33.28 -4.56 -6.07
C THR B 59 33.82 -5.58 -7.07
N GLY B 60 34.98 -5.25 -7.64
CA GLY B 60 35.67 -6.12 -8.58
C GLY B 60 35.25 -5.86 -10.03
N LEU B 61 34.39 -4.85 -10.23
CA LEU B 61 33.71 -4.63 -11.50
C LEU B 61 34.68 -4.05 -12.53
N LYS B 62 34.19 -3.73 -13.74
CA LYS B 62 35.01 -3.21 -14.82
C LYS B 62 34.72 -1.73 -15.05
N PRO B 63 35.72 -0.80 -14.96
CA PRO B 63 35.48 0.62 -15.18
C PRO B 63 34.84 0.90 -16.54
N GLY B 64 33.74 1.67 -16.50
CA GLY B 64 33.00 2.04 -17.70
C GLY B 64 32.22 0.86 -18.27
N THR B 65 31.44 0.19 -17.41
CA THR B 65 30.68 -0.98 -17.82
C THR B 65 29.26 -0.90 -17.27
N GLU B 66 28.31 -1.48 -18.01
CA GLU B 66 26.89 -1.44 -17.72
C GLU B 66 26.51 -2.65 -16.84
N TYR B 67 26.00 -2.36 -15.64
CA TYR B 67 25.77 -3.39 -14.64
C TYR B 67 24.32 -3.41 -14.17
N GLU B 68 23.68 -4.57 -14.35
CA GLU B 68 22.30 -4.80 -13.94
C GLU B 68 22.30 -5.38 -12.53
N PHE B 69 21.23 -5.13 -11.75
CA PHE B 69 21.14 -5.59 -10.37
C PHE B 69 19.70 -5.93 -10.00
N ARG B 70 19.54 -6.84 -9.05
CA ARG B 70 18.23 -7.26 -8.54
C ARG B 70 18.44 -8.03 -7.23
N VAL B 71 17.37 -8.16 -6.43
CA VAL B 71 17.48 -8.71 -5.08
C VAL B 71 16.44 -9.81 -4.90
N ARG B 72 16.75 -10.79 -4.04
CA ARG B 72 15.86 -11.91 -3.74
C ARG B 72 15.67 -12.03 -2.23
N ALA B 73 14.91 -13.04 -1.80
CA ALA B 73 14.69 -13.28 -0.38
C ALA B 73 15.13 -14.68 0.02
N VAL B 74 15.45 -14.85 1.31
CA VAL B 74 15.71 -16.14 1.91
C VAL B 74 14.67 -17.13 1.38
N SER B 75 13.39 -16.75 1.49
CA SER B 75 12.32 -17.42 0.76
C SER B 75 12.59 -17.27 -0.74
N GLY B 76 13.38 -18.13 -1.34
CA GLY B 76 13.75 -17.93 -2.74
C GLY B 76 12.83 -17.15 -3.67
N ALA B 77 12.83 -15.83 -3.58
CA ALA B 77 11.87 -15.04 -4.35
C ALA B 77 12.29 -13.61 -4.54
N LEU B 78 11.92 -13.03 -5.65
CA LEU B 78 12.38 -11.71 -5.97
C LEU B 78 11.65 -10.62 -5.26
N TYR B 79 12.24 -9.45 -5.27
CA TYR B 79 11.66 -8.35 -4.58
C TYR B 79 11.35 -7.27 -5.54
N PHE B 80 10.87 -6.13 -5.06
CA PHE B 80 10.62 -4.98 -5.89
C PHE B 80 9.95 -5.36 -7.16
N ASN B 81 8.92 -6.18 -7.06
CA ASN B 81 8.25 -6.72 -8.23
C ASN B 81 9.20 -7.66 -8.93
N ALA B 82 9.76 -7.22 -10.02
CA ALA B 82 10.72 -8.03 -10.71
C ALA B 82 12.02 -7.31 -10.68
N SER B 83 12.01 -6.07 -10.21
CA SER B 83 13.26 -5.35 -10.02
C SER B 83 14.01 -5.16 -11.34
N SER B 84 15.28 -4.70 -11.23
CA SER B 84 16.26 -4.57 -12.30
C SER B 84 16.66 -3.11 -12.48
N VAL B 85 17.79 -2.73 -11.88
CA VAL B 85 18.38 -1.41 -12.07
C VAL B 85 19.63 -1.57 -12.94
N SER B 86 20.11 -0.44 -13.47
CA SER B 86 21.28 -0.40 -14.33
C SER B 86 22.22 0.71 -13.90
N VAL B 87 23.53 0.46 -14.06
CA VAL B 87 24.57 1.38 -13.63
C VAL B 87 25.73 1.30 -14.62
N THR B 88 26.36 2.45 -14.89
CA THR B 88 27.63 2.48 -15.58
C THR B 88 28.69 3.01 -14.62
N THR B 89 29.75 2.21 -14.42
CA THR B 89 30.81 2.57 -13.48
C THR B 89 31.63 3.72 -14.05
N SER B 130 5.35 1.83 -15.03
CA SER B 130 4.23 2.80 -14.90
C SER B 130 3.33 2.43 -13.73
N ASN B 131 3.93 1.85 -12.67
CA ASN B 131 3.14 1.16 -11.65
C ASN B 131 2.37 2.17 -10.79
N THR B 132 1.06 1.95 -10.70
CA THR B 132 0.16 2.81 -9.96
C THR B 132 0.42 2.65 -8.47
N GLN B 133 -0.12 3.57 -7.68
CA GLN B 133 0.16 3.60 -6.26
C GLN B 133 -0.36 2.31 -5.64
N ALA B 134 -1.56 1.90 -6.03
CA ALA B 134 -2.21 0.73 -5.46
C ALA B 134 -1.44 -0.55 -5.81
N GLU B 135 -0.99 -0.65 -7.07
CA GLU B 135 -0.16 -1.76 -7.50
C GLU B 135 1.07 -1.84 -6.62
N ARG B 136 1.76 -0.70 -6.47
CA ARG B 136 2.98 -0.64 -5.69
C ARG B 136 2.67 -1.00 -4.23
N SER B 137 1.57 -0.46 -3.70
CA SER B 137 1.12 -0.82 -2.37
C SER B 137 0.96 -2.34 -2.25
N ILE B 138 0.49 -3.00 -3.31
CA ILE B 138 0.38 -4.45 -3.31
C ILE B 138 1.78 -5.05 -3.21
N ILE B 139 2.66 -4.66 -4.13
CA ILE B 139 3.93 -5.35 -4.33
C ILE B 139 4.75 -5.27 -3.05
N GLY B 140 4.68 -4.11 -2.39
CA GLY B 140 5.35 -3.91 -1.11
C GLY B 140 4.91 -4.92 -0.06
N MET B 141 3.62 -5.24 -0.02
CA MET B 141 3.10 -6.10 1.04
C MET B 141 3.67 -7.49 0.87
N ILE B 142 3.77 -7.97 -0.38
CA ILE B 142 4.46 -9.21 -0.66
C ILE B 142 5.91 -9.09 -0.20
N ASP B 143 6.54 -7.97 -0.52
CA ASP B 143 7.92 -7.77 -0.12
C ASP B 143 8.04 -7.72 1.40
N MET B 144 7.00 -7.28 2.09
CA MET B 144 7.02 -7.28 3.54
C MET B 144 6.97 -8.70 4.03
N PHE B 145 6.11 -9.51 3.44
CA PHE B 145 6.09 -10.90 3.78
C PHE B 145 7.48 -11.40 3.60
N HIS B 146 8.05 -11.13 2.44
CA HIS B 146 9.36 -11.66 2.14
C HIS B 146 10.51 -10.97 2.84
N LYS B 147 10.24 -10.23 3.90
CA LYS B 147 11.32 -9.63 4.67
C LYS B 147 11.40 -10.31 6.03
N TYR B 148 10.62 -11.38 6.22
CA TYR B 148 10.58 -12.05 7.50
C TYR B 148 10.51 -13.55 7.32
N THR B 149 9.96 -13.99 6.20
CA THR B 149 9.92 -15.41 5.89
C THR B 149 11.29 -16.08 5.74
N ARG B 150 11.49 -17.31 6.24
CA ARG B 150 12.73 -18.04 6.03
C ARG B 150 12.69 -18.69 4.65
N ARG B 151 13.44 -19.78 4.46
CA ARG B 151 13.59 -20.40 3.15
C ARG B 151 12.26 -20.93 2.62
N ASP B 152 11.34 -21.29 3.51
CA ASP B 152 10.10 -21.96 3.12
C ASP B 152 9.06 -20.97 2.59
N ASP B 153 9.28 -19.66 2.78
CA ASP B 153 8.32 -18.61 2.44
C ASP B 153 7.20 -18.60 3.47
N LYS B 154 7.56 -18.80 4.74
CA LYS B 154 6.62 -18.76 5.84
C LYS B 154 7.31 -18.10 7.02
N ILE B 155 6.53 -17.53 7.95
CA ILE B 155 7.08 -16.74 9.04
C ILE B 155 6.84 -17.46 10.37
N ASP B 156 7.89 -17.51 11.19
CA ASP B 156 7.81 -18.07 12.53
C ASP B 156 7.39 -16.95 13.49
N LYS B 157 6.86 -17.37 14.65
CA LYS B 157 6.31 -16.45 15.63
C LYS B 157 7.31 -15.34 15.96
N PRO B 158 8.60 -15.66 16.25
CA PRO B 158 9.60 -14.61 16.48
C PRO B 158 9.52 -13.51 15.44
N SER B 159 9.62 -13.89 14.15
CA SER B 159 9.74 -12.95 13.05
C SER B 159 8.44 -12.18 12.86
N LEU B 160 7.30 -12.82 13.15
CA LEU B 160 6.00 -12.21 12.95
C LEU B 160 5.83 -11.02 13.88
N LEU B 161 6.13 -11.24 15.17
CA LEU B 161 5.99 -10.20 16.17
C LEU B 161 6.95 -9.04 15.87
N THR B 162 8.07 -9.35 15.20
CA THR B 162 9.00 -8.31 14.78
C THR B 162 8.34 -7.45 13.72
N MET B 163 7.93 -8.11 12.63
CA MET B 163 7.29 -7.45 11.51
C MET B 163 6.21 -6.49 12.02
N MET B 164 5.35 -7.03 12.88
CA MET B 164 4.27 -6.25 13.46
C MET B 164 4.82 -4.96 14.04
N LYS B 165 5.84 -5.09 14.89
CA LYS B 165 6.35 -3.97 15.65
C LYS B 165 6.98 -2.93 14.72
N GLU B 166 7.58 -3.40 13.62
CA GLU B 166 8.31 -2.53 12.72
C GLU B 166 7.42 -1.97 11.63
N ASN B 167 6.27 -2.62 11.38
CA ASN B 167 5.40 -2.28 10.26
C ASN B 167 4.07 -1.68 10.72
N PHE B 168 3.59 -2.07 11.92
CA PHE B 168 2.27 -1.65 12.38
C PHE B 168 2.36 -1.13 13.81
N PRO B 169 3.30 -0.21 14.13
CA PRO B 169 3.60 0.15 15.50
C PRO B 169 2.50 0.94 16.21
N ASN B 170 1.87 1.88 15.50
CA ASN B 170 0.89 2.77 16.10
C ASN B 170 -0.40 2.02 16.38
N PHE B 171 -0.63 0.95 15.61
CA PHE B 171 -1.79 0.09 15.81
C PHE B 171 -1.58 -0.82 17.02
N LEU B 172 -0.35 -1.30 17.20
CA LEU B 172 0.00 -2.12 18.34
C LEU B 172 -0.05 -1.28 19.61
N SER B 173 0.58 -0.10 19.55
CA SER B 173 0.48 0.87 20.63
C SER B 173 -0.99 1.10 20.99
N ALA B 174 -1.79 1.47 19.98
CA ALA B 174 -3.22 1.67 20.16
C ALA B 174 -3.81 0.54 20.99
N CYS B 175 -3.60 -0.72 20.58
CA CYS B 175 -4.16 -1.86 21.27
C CYS B 175 -3.74 -1.90 22.74
N ASP B 176 -2.54 -1.39 23.05
CA ASP B 176 -2.09 -1.33 24.43
C ASP B 176 -2.91 -0.31 25.22
N LYS B 177 -3.13 0.87 24.61
CA LYS B 177 -3.75 2.00 25.28
C LYS B 177 -5.10 1.61 25.86
N LYS B 178 -5.82 0.71 25.17
CA LYS B 178 -7.12 0.23 25.63
C LYS B 178 -6.94 -0.88 26.67
N GLY B 179 -5.80 -1.58 26.60
CA GLY B 179 -5.56 -2.76 27.43
C GLY B 179 -5.91 -4.01 26.64
N THR B 180 -5.37 -4.10 25.42
CA THR B 180 -5.43 -5.32 24.63
C THR B 180 -4.00 -5.68 24.22
N ASN B 181 -3.70 -6.97 24.33
CA ASN B 181 -2.41 -7.52 23.93
C ASN B 181 -2.61 -8.36 22.68
N TYR B 182 -2.45 -7.71 21.52
CA TYR B 182 -2.71 -8.33 20.24
C TYR B 182 -1.71 -9.46 20.00
N LEU B 183 -0.46 -9.29 20.46
CA LEU B 183 0.61 -10.21 20.16
C LEU B 183 0.45 -11.52 20.92
N ALA B 184 -0.37 -11.52 21.98
CA ALA B 184 -0.68 -12.75 22.70
C ALA B 184 -1.12 -13.83 21.72
N ASP B 185 -2.31 -13.63 21.15
CA ASP B 185 -3.06 -14.68 20.47
C ASP B 185 -3.18 -14.37 18.98
N VAL B 186 -2.32 -13.48 18.46
CA VAL B 186 -2.30 -13.20 17.03
C VAL B 186 -1.88 -14.47 16.30
N PHE B 187 -0.75 -15.06 16.72
CA PHE B 187 -0.15 -16.16 15.99
C PHE B 187 -1.12 -17.35 16.01
N GLU B 188 -1.68 -17.63 17.19
CA GLU B 188 -2.57 -18.77 17.37
C GLU B 188 -3.88 -18.54 16.64
N LYS B 189 -4.27 -17.27 16.48
CA LYS B 189 -5.47 -16.90 15.76
C LYS B 189 -5.28 -17.07 14.26
N LYS B 190 -4.20 -16.48 13.74
CA LYS B 190 -3.97 -16.41 12.30
C LYS B 190 -3.16 -17.62 11.84
N ASP B 191 -2.66 -18.43 12.78
CA ASP B 191 -2.15 -19.74 12.47
C ASP B 191 -3.26 -20.77 12.67
N LYS B 192 -4.25 -20.71 11.79
CA LYS B 192 -5.44 -21.54 11.85
C LYS B 192 -5.04 -23.01 11.71
N ASN B 193 -4.05 -23.29 10.85
CA ASN B 193 -3.70 -24.65 10.49
C ASN B 193 -2.81 -25.28 11.56
N GLU B 194 -2.27 -24.46 12.47
CA GLU B 194 -1.49 -24.91 13.63
C GLU B 194 -0.21 -25.60 13.20
N ASP B 195 0.35 -25.19 12.05
CA ASP B 195 1.65 -25.69 11.58
C ASP B 195 2.77 -24.94 12.29
N LYS B 196 2.42 -23.88 13.03
CA LYS B 196 3.37 -23.02 13.71
C LYS B 196 4.11 -22.15 12.68
N LYS B 197 3.48 -21.96 11.51
CA LYS B 197 4.09 -21.24 10.41
C LYS B 197 3.01 -20.46 9.65
N ILE B 198 3.32 -19.20 9.36
CA ILE B 198 2.42 -18.32 8.63
C ILE B 198 2.84 -18.32 7.16
N ASP B 199 2.07 -18.99 6.30
CA ASP B 199 2.25 -18.84 4.88
C ASP B 199 1.55 -17.55 4.46
N PHE B 200 1.74 -17.19 3.19
CA PHE B 200 1.13 -15.98 2.63
C PHE B 200 -0.34 -15.92 2.99
N SER B 201 -1.07 -17.00 2.71
CA SER B 201 -2.51 -17.10 2.96
C SER B 201 -2.86 -16.63 4.36
N GLU B 202 -2.13 -17.13 5.35
CA GLU B 202 -2.41 -16.87 6.76
C GLU B 202 -2.10 -15.40 7.05
N PHE B 203 -1.04 -14.89 6.39
CA PHE B 203 -0.61 -13.52 6.53
C PHE B 203 -1.63 -12.57 5.90
N LEU B 204 -2.24 -12.97 4.78
CA LEU B 204 -3.23 -12.12 4.15
C LEU B 204 -4.39 -11.90 5.11
N SER B 205 -4.78 -12.95 5.83
CA SER B 205 -5.93 -12.91 6.72
C SER B 205 -5.68 -11.88 7.81
N LEU B 206 -4.40 -11.74 8.19
CA LEU B 206 -3.98 -10.75 9.16
C LEU B 206 -4.19 -9.36 8.59
N LEU B 207 -3.47 -9.05 7.49
CA LEU B 207 -3.67 -7.77 6.81
C LEU B 207 -5.16 -7.47 6.83
N GLY B 208 -5.96 -8.48 6.43
CA GLY B 208 -7.41 -8.40 6.40
C GLY B 208 -8.01 -7.88 7.71
N ASP B 209 -7.48 -8.33 8.84
CA ASP B 209 -7.96 -7.93 10.16
C ASP B 209 -7.53 -6.49 10.45
N ILE B 210 -6.29 -6.14 10.06
CA ILE B 210 -5.80 -4.79 10.26
C ILE B 210 -6.56 -3.84 9.31
N ALA B 211 -6.57 -4.21 8.01
CA ALA B 211 -7.29 -3.47 6.99
C ALA B 211 -8.68 -3.10 7.49
N THR B 212 -9.39 -4.08 8.07
CA THR B 212 -10.71 -3.86 8.64
C THR B 212 -10.68 -2.68 9.59
N ASP B 213 -9.81 -2.75 10.61
CA ASP B 213 -9.71 -1.73 11.64
C ASP B 213 -9.60 -0.34 10.99
N TYR B 214 -8.68 -0.22 10.03
CA TYR B 214 -8.41 1.06 9.40
C TYR B 214 -9.64 1.60 8.67
N HIS B 215 -10.44 0.71 8.08
CA HIS B 215 -11.68 1.12 7.43
C HIS B 215 -12.68 1.55 8.50
N LYS B 216 -12.71 0.79 9.61
CA LYS B 216 -13.50 1.19 10.74
C LYS B 216 -12.99 2.57 11.16
N GLN B 217 -11.69 2.68 11.41
CA GLN B 217 -11.13 3.94 11.84
C GLN B 217 -11.49 5.05 10.85
N SER B 218 -11.49 4.74 9.56
CA SER B 218 -11.84 5.72 8.55
C SER B 218 -13.23 6.30 8.85
N HIS B 219 -14.17 5.45 9.25
CA HIS B 219 -15.51 5.91 9.54
C HIS B 219 -15.55 6.55 10.94
N GLY B 220 -14.47 6.38 11.71
CA GLY B 220 -14.25 7.15 12.92
C GLY B 220 -14.19 6.26 14.16
N ALA B 221 -13.95 4.96 13.98
CA ALA B 221 -13.90 4.04 15.11
C ALA B 221 -12.55 4.18 15.80
N ALA B 222 -12.59 4.52 17.09
CA ALA B 222 -11.38 4.52 17.90
C ALA B 222 -10.56 3.28 17.50
N PRO B 223 -9.22 3.40 17.38
CA PRO B 223 -8.36 2.28 16.97
C PRO B 223 -8.41 1.03 17.85
N CYS B 224 -8.10 -0.11 17.24
CA CYS B 224 -8.10 -1.42 17.88
C CYS B 224 -9.45 -1.71 18.52
N SER B 225 -10.50 -1.71 17.70
CA SER B 225 -11.82 -2.14 18.12
C SER B 225 -11.99 -3.61 17.74
N GLY B 226 -12.44 -4.45 18.70
CA GLY B 226 -12.71 -5.85 18.41
C GLY B 226 -12.91 -6.65 19.69
N GLY B 227 -14.03 -6.39 20.37
CA GLY B 227 -14.40 -7.10 21.58
C GLY B 227 -14.34 -8.62 21.38
N SER B 228 -14.87 -9.08 20.24
CA SER B 228 -14.72 -10.45 19.77
C SER B 228 -15.13 -11.44 20.86
#